data_7Q3Z
#
_entry.id   7Q3Z
#
_cell.length_a   49.880
_cell.length_b   64.040
_cell.length_c   104.580
_cell.angle_alpha   90.00
_cell.angle_beta   93.00
_cell.angle_gamma   90.00
#
_symmetry.space_group_name_H-M   'P 1 21 1'
#
loop_
_entity.id
_entity.type
_entity.pdbx_description
1 polymer 'Schlafen family member 5'
2 non-polymer 'ZINC ION'
3 non-polymer 'SODIUM ION'
4 water water
#
_entity_poly.entity_id   1
_entity_poly.type   'polypeptide(L)'
_entity_poly.pdbx_seq_one_letter_code
;MSLRIDVDTNFPECVVDAGKVTLGTQQRQEMDPRLREKQNEIILRAVCALLNSGGGIIKAEIENKGYNYERHGVGLDVPP
IFRSHLDKMQKENHFLIFVKSWNTEAGVPLATLCSNLYHRERTSTDVMDSQEALAFLKCRTQTPTNINVSNSLGPQAAQG
SVQYEGNINVSAAALFDRKRLQYLEKLNLPESTHVEFVMFSTDVSHCVKDRLPKCVSAFANTEGGYVFFGVHDETCQVIG
CEKEKIDLTSLRASIDGCIKKLPVHHFCTQRPEIKYVLNFLEVHDKGALRGYVCAIKVEKFCCAVFAKVPSSWQVKDNRV
RQLPTREWTAWMMEADHHHHHH
;
_entity_poly.pdbx_strand_id   B,A
#
loop_
_chem_comp.id
_chem_comp.type
_chem_comp.name
_chem_comp.formula
NA non-polymer 'SODIUM ION' 'Na 1'
ZN non-polymer 'ZINC ION' 'Zn 2'
#
# COMPACT_ATOMS: atom_id res chain seq x y z
N VAL A 7 -12.94 -2.68 7.62
CA VAL A 7 -14.00 -3.67 7.77
C VAL A 7 -13.75 -4.51 9.03
N ASP A 8 -14.52 -4.23 10.07
CA ASP A 8 -14.29 -4.82 11.38
C ASP A 8 -14.86 -6.24 11.45
N THR A 9 -14.14 -7.10 12.16
CA THR A 9 -14.63 -8.43 12.54
C THR A 9 -14.98 -8.40 14.03
N ASN A 10 -15.89 -9.27 14.44
CA ASN A 10 -16.37 -9.28 15.81
C ASN A 10 -16.13 -10.62 16.51
N GLU A 13 -19.02 -18.35 14.02
CA GLU A 13 -19.18 -17.15 14.82
C GLU A 13 -18.57 -15.93 14.11
N CYS A 14 -18.04 -16.13 12.91
CA CYS A 14 -17.33 -15.09 12.19
C CYS A 14 -18.33 -14.05 11.67
N VAL A 15 -18.44 -12.92 12.36
CA VAL A 15 -19.37 -11.86 11.98
C VAL A 15 -18.55 -10.67 11.53
N VAL A 16 -18.85 -10.18 10.32
CA VAL A 16 -18.16 -9.05 9.73
C VAL A 16 -19.12 -7.87 9.72
N ASP A 17 -18.68 -6.73 10.25
CA ASP A 17 -19.49 -5.51 10.33
C ASP A 17 -19.15 -4.60 9.15
N ALA A 18 -20.10 -4.44 8.24
CA ALA A 18 -19.87 -3.64 7.04
C ALA A 18 -20.31 -2.20 7.21
N GLY A 19 -20.65 -1.78 8.43
CA GLY A 19 -21.00 -0.39 8.68
C GLY A 19 -22.38 -0.03 8.17
N LYS A 20 -22.56 1.27 7.89
CA LYS A 20 -23.85 1.78 7.45
C LYS A 20 -23.95 1.74 5.92
N VAL A 21 -25.12 1.34 5.43
CA VAL A 21 -25.35 1.15 4.00
C VAL A 21 -26.74 1.64 3.62
N THR A 22 -26.88 2.16 2.41
CA THR A 22 -28.19 2.50 1.86
C THR A 22 -28.70 1.31 1.07
N LEU A 23 -29.98 0.97 1.27
CA LEU A 23 -30.53 -0.21 0.62
C LEU A 23 -31.75 0.11 -0.22
N GLY A 24 -31.92 -0.67 -1.29
CA GLY A 24 -33.07 -0.58 -2.16
C GLY A 24 -32.63 -0.18 -3.55
N THR A 25 -33.23 -0.79 -4.58
CA THR A 25 -32.82 -0.48 -5.94
C THR A 25 -32.96 1.01 -6.23
N GLN A 26 -34.14 1.58 -5.98
CA GLN A 26 -34.35 3.00 -6.25
C GLN A 26 -33.43 3.87 -5.38
N GLN A 27 -33.42 3.60 -4.07
CA GLN A 27 -32.64 4.41 -3.13
C GLN A 27 -31.16 4.40 -3.50
N ARG A 28 -30.63 3.27 -3.93
CA ARG A 28 -29.22 3.24 -4.29
C ARG A 28 -28.99 3.86 -5.67
N GLN A 29 -29.99 3.80 -6.55
CA GLN A 29 -29.89 4.53 -7.80
C GLN A 29 -29.67 6.02 -7.52
N GLU A 30 -30.47 6.60 -6.63
CA GLU A 30 -30.45 8.05 -6.47
C GLU A 30 -29.38 8.56 -5.52
N MET A 31 -28.68 7.69 -4.79
CA MET A 31 -27.76 8.16 -3.76
C MET A 31 -26.48 8.69 -4.40
N ASP A 32 -25.64 9.30 -3.55
CA ASP A 32 -24.34 9.83 -3.97
C ASP A 32 -23.48 8.72 -4.57
N PRO A 33 -23.03 8.86 -5.82
CA PRO A 33 -22.32 7.73 -6.47
C PRO A 33 -21.07 7.25 -5.76
N ARG A 34 -20.18 8.15 -5.31
CA ARG A 34 -18.96 7.68 -4.66
C ARG A 34 -19.27 6.88 -3.40
N LEU A 35 -20.31 7.29 -2.66
CA LEU A 35 -20.73 6.52 -1.49
C LEU A 35 -21.33 5.19 -1.89
N ARG A 36 -22.14 5.17 -2.96
CA ARG A 36 -22.70 3.92 -3.46
C ARG A 36 -21.60 2.93 -3.80
N GLU A 37 -20.58 3.40 -4.51
CA GLU A 37 -19.48 2.52 -4.90
C GLU A 37 -18.69 2.05 -3.69
N LYS A 38 -18.46 2.95 -2.72
CA LYS A 38 -17.70 2.58 -1.53
C LYS A 38 -18.42 1.48 -0.73
N GLN A 39 -19.72 1.65 -0.52
CA GLN A 39 -20.49 0.63 0.20
C GLN A 39 -20.50 -0.69 -0.55
N ASN A 40 -20.71 -0.66 -1.87
CA ASN A 40 -20.70 -1.90 -2.63
C ASN A 40 -19.35 -2.60 -2.51
N GLU A 41 -18.26 -1.82 -2.49
CA GLU A 41 -16.93 -2.44 -2.42
C GLU A 41 -16.65 -3.01 -1.03
N ILE A 42 -17.11 -2.32 0.01
CA ILE A 42 -17.00 -2.86 1.37
C ILE A 42 -17.72 -4.19 1.46
N ILE A 43 -18.97 -4.23 0.99
CA ILE A 43 -19.75 -5.46 1.04
C ILE A 43 -19.04 -6.57 0.28
N LEU A 44 -18.51 -6.26 -0.92
CA LEU A 44 -17.93 -7.32 -1.73
C LEU A 44 -16.63 -7.85 -1.11
N ARG A 45 -15.81 -6.97 -0.55
CA ARG A 45 -14.60 -7.45 0.11
C ARG A 45 -14.94 -8.33 1.31
N ALA A 46 -15.99 -7.94 2.06
CA ALA A 46 -16.41 -8.77 3.18
C ALA A 46 -16.89 -10.14 2.70
N VAL A 47 -17.67 -10.15 1.61
CA VAL A 47 -18.15 -11.41 1.02
C VAL A 47 -16.96 -12.28 0.61
N CYS A 48 -15.99 -11.69 -0.10
CA CYS A 48 -14.87 -12.47 -0.61
C CYS A 48 -14.04 -13.07 0.54
N ALA A 49 -13.76 -12.26 1.56
CA ALA A 49 -13.08 -12.76 2.74
C ALA A 49 -13.81 -13.95 3.37
N LEU A 50 -15.12 -13.82 3.54
CA LEU A 50 -15.85 -14.91 4.19
C LEU A 50 -15.91 -16.15 3.29
N LEU A 51 -16.10 -15.97 1.99
CA LEU A 51 -16.04 -17.11 1.09
C LEU A 51 -14.73 -17.86 1.26
N ASN A 52 -13.63 -17.13 1.47
CA ASN A 52 -12.32 -17.76 1.59
C ASN A 52 -11.95 -18.13 3.02
N SER A 53 -12.84 -17.92 3.99
CA SER A 53 -12.53 -18.16 5.39
C SER A 53 -13.56 -19.07 6.06
N GLY A 54 -14.18 -19.94 5.26
CA GLY A 54 -15.12 -20.91 5.80
C GLY A 54 -16.52 -20.43 6.05
N GLY A 55 -16.90 -19.26 5.52
CA GLY A 55 -18.23 -18.74 5.65
C GLY A 55 -18.43 -17.88 6.89
N GLY A 56 -19.53 -17.14 6.89
CA GLY A 56 -19.82 -16.29 8.03
C GLY A 56 -21.05 -15.44 7.80
N ILE A 57 -21.15 -14.36 8.57
CA ILE A 57 -22.28 -13.47 8.53
C ILE A 57 -21.78 -12.05 8.38
N ILE A 58 -22.38 -11.30 7.47
CA ILE A 58 -22.14 -9.88 7.33
C ILE A 58 -23.33 -9.16 7.93
N LYS A 59 -23.06 -8.17 8.79
CA LYS A 59 -24.13 -7.34 9.30
C LYS A 59 -23.89 -5.91 8.87
N ALA A 60 -24.99 -5.17 8.67
CA ALA A 60 -24.89 -3.78 8.25
C ALA A 60 -26.11 -3.03 8.78
N GLU A 61 -25.89 -1.75 9.11
CA GLU A 61 -26.97 -0.88 9.53
C GLU A 61 -27.57 -0.21 8.30
N ILE A 62 -28.87 -0.41 8.09
CA ILE A 62 -29.60 0.26 7.02
C ILE A 62 -29.84 1.70 7.43
N GLU A 63 -29.29 2.65 6.67
CA GLU A 63 -29.37 4.06 7.06
C GLU A 63 -30.59 4.79 6.49
N ASN A 64 -31.22 4.30 5.43
CA ASN A 64 -32.40 4.96 4.89
C ASN A 64 -33.66 4.43 5.58
N LYS A 65 -34.37 5.33 6.24
CA LYS A 65 -35.58 4.96 6.96
C LYS A 65 -36.68 4.57 5.99
N GLY A 66 -37.56 3.69 6.46
CA GLY A 66 -38.62 3.16 5.63
C GLY A 66 -38.21 2.09 4.65
N TYR A 67 -36.97 1.59 4.74
CA TYR A 67 -36.55 0.52 3.84
C TYR A 67 -37.31 -0.76 4.12
N ASN A 68 -37.79 -1.40 3.05
CA ASN A 68 -38.48 -2.68 3.17
C ASN A 68 -38.01 -3.58 2.03
N TYR A 69 -37.36 -4.68 2.40
CA TYR A 69 -36.64 -5.49 1.42
C TYR A 69 -37.57 -6.01 0.33
N GLU A 70 -38.77 -6.46 0.69
CA GLU A 70 -39.62 -7.15 -0.27
C GLU A 70 -40.15 -6.19 -1.33
N ARG A 71 -40.49 -4.96 -0.93
CA ARG A 71 -40.99 -4.02 -1.93
CA ARG A 71 -41.00 -3.95 -1.86
C ARG A 71 -39.88 -3.18 -2.55
N HIS A 72 -38.77 -2.94 -1.85
CA HIS A 72 -37.73 -2.06 -2.39
C HIS A 72 -36.58 -2.78 -3.09
N GLY A 73 -36.38 -4.07 -2.83
CA GLY A 73 -35.22 -4.74 -3.39
C GLY A 73 -33.96 -4.44 -2.60
N VAL A 74 -32.81 -4.78 -3.19
CA VAL A 74 -31.53 -4.62 -2.51
C VAL A 74 -30.65 -3.60 -3.22
N GLY A 75 -30.35 -3.85 -4.49
CA GLY A 75 -29.60 -2.89 -5.28
C GLY A 75 -28.09 -2.94 -5.13
N LEU A 76 -27.54 -4.05 -4.65
CA LEU A 76 -26.10 -4.26 -4.64
C LEU A 76 -25.69 -5.03 -5.89
N ASP A 77 -24.47 -4.75 -6.37
CA ASP A 77 -23.91 -5.39 -7.57
C ASP A 77 -22.93 -6.46 -7.12
N VAL A 78 -23.30 -7.73 -7.32
CA VAL A 78 -22.56 -8.88 -6.83
C VAL A 78 -22.26 -9.79 -8.01
N PRO A 79 -21.02 -10.23 -8.19
CA PRO A 79 -20.70 -11.21 -9.25
C PRO A 79 -21.66 -12.39 -9.20
N PRO A 80 -22.21 -12.77 -10.35
CA PRO A 80 -23.19 -13.88 -10.37
C PRO A 80 -22.67 -15.19 -9.81
N ILE A 81 -21.37 -15.48 -9.96
CA ILE A 81 -20.84 -16.71 -9.38
C ILE A 81 -20.94 -16.69 -7.86
N PHE A 82 -20.87 -15.51 -7.25
CA PHE A 82 -20.96 -15.42 -5.79
C PHE A 82 -22.38 -15.60 -5.26
N ARG A 83 -23.39 -15.32 -6.08
CA ARG A 83 -24.76 -15.24 -5.57
C ARG A 83 -25.25 -16.58 -5.04
N SER A 84 -24.80 -17.69 -5.63
CA SER A 84 -25.23 -19.01 -5.18
CA SER A 84 -25.23 -19.01 -5.17
C SER A 84 -24.76 -19.33 -3.76
N HIS A 85 -23.82 -18.56 -3.21
CA HIS A 85 -23.30 -18.78 -1.86
C HIS A 85 -23.91 -17.85 -0.82
N LEU A 86 -24.84 -16.99 -1.21
CA LEU A 86 -25.32 -15.90 -0.37
C LEU A 86 -26.80 -16.04 -0.09
N ASP A 87 -27.18 -15.69 1.13
CA ASP A 87 -28.58 -15.43 1.47
C ASP A 87 -28.64 -14.09 2.18
N LYS A 88 -29.83 -13.49 2.21
CA LYS A 88 -29.97 -12.13 2.69
C LYS A 88 -31.23 -12.00 3.51
N MET A 89 -31.21 -11.08 4.48
CA MET A 89 -32.34 -10.90 5.39
C MET A 89 -32.34 -9.48 5.95
N GLN A 90 -33.53 -8.90 6.07
CA GLN A 90 -33.71 -7.64 6.77
C GLN A 90 -34.37 -7.88 8.13
N LYS A 91 -33.79 -7.30 9.17
CA LYS A 91 -34.40 -7.29 10.50
C LYS A 91 -34.38 -5.84 10.98
N GLU A 92 -35.51 -5.15 10.77
CA GLU A 92 -35.68 -3.74 11.12
C GLU A 92 -34.60 -2.92 10.42
N ASN A 93 -33.79 -2.14 11.13
CA ASN A 93 -32.77 -1.30 10.50
C ASN A 93 -31.46 -2.06 10.28
N HIS A 94 -31.47 -3.38 10.40
CA HIS A 94 -30.28 -4.17 10.18
C HIS A 94 -30.46 -5.10 8.99
N PHE A 95 -29.36 -5.33 8.29
CA PHE A 95 -29.32 -6.21 7.13
C PHE A 95 -28.28 -7.27 7.40
N LEU A 96 -28.59 -8.51 7.05
CA LEU A 96 -27.70 -9.65 7.28
C LEU A 96 -27.48 -10.41 5.99
N ILE A 97 -26.23 -10.78 5.73
CA ILE A 97 -25.86 -11.60 4.58
C ILE A 97 -25.20 -12.87 5.10
N PHE A 98 -25.80 -14.00 4.76
CA PHE A 98 -25.32 -15.35 5.07
C PHE A 98 -24.36 -15.78 3.97
N VAL A 99 -23.09 -16.01 4.30
CA VAL A 99 -22.07 -16.33 3.30
C VAL A 99 -21.58 -17.74 3.55
N LYS A 100 -21.83 -18.63 2.61
CA LYS A 100 -21.37 -20.00 2.72
C LYS A 100 -19.98 -20.14 2.12
N SER A 101 -19.27 -21.16 2.59
CA SER A 101 -17.88 -21.35 2.19
C SER A 101 -17.77 -21.50 0.67
N TRP A 102 -16.69 -20.97 0.11
CA TRP A 102 -16.46 -21.08 -1.33
C TRP A 102 -16.39 -22.54 -1.76
N ASN A 103 -15.57 -23.33 -1.06
CA ASN A 103 -15.47 -24.79 -1.23
C ASN A 103 -15.20 -25.19 -2.67
N THR A 104 -14.07 -24.70 -3.20
CA THR A 104 -13.56 -25.06 -4.52
C THR A 104 -14.68 -25.05 -5.57
N GLU A 105 -15.43 -23.95 -5.56
CA GLU A 105 -16.55 -23.71 -6.51
C GLU A 105 -15.99 -23.40 -7.90
N ALA A 106 -16.43 -24.14 -8.92
CA ALA A 106 -16.02 -23.89 -10.33
C ALA A 106 -14.59 -24.39 -10.58
N GLY A 107 -14.01 -25.12 -9.62
CA GLY A 107 -12.64 -25.66 -9.79
C GLY A 107 -11.58 -24.62 -9.50
N VAL A 108 -11.99 -23.42 -9.09
CA VAL A 108 -11.02 -22.34 -8.72
C VAL A 108 -10.86 -22.38 -7.20
N PRO A 109 -9.61 -22.52 -6.64
CA PRO A 109 -9.33 -22.74 -5.21
C PRO A 109 -9.90 -21.67 -4.30
N LEU A 110 -10.05 -20.44 -4.75
CA LEU A 110 -10.49 -19.38 -3.85
C LEU A 110 -11.29 -18.35 -4.61
N ALA A 111 -12.07 -17.58 -3.87
CA ALA A 111 -12.88 -16.53 -4.45
C ALA A 111 -12.02 -15.30 -4.70
N THR A 112 -12.27 -14.63 -5.84
CA THR A 112 -11.50 -13.46 -6.23
C THR A 112 -12.44 -12.44 -6.85
N LEU A 113 -12.38 -11.20 -6.35
CA LEU A 113 -13.16 -10.13 -6.98
C LEU A 113 -12.56 -9.72 -8.31
N CYS A 114 -11.23 -9.69 -8.42
CA CYS A 114 -10.62 -9.28 -9.67
C CYS A 114 -9.21 -9.85 -9.73
N SER A 115 -8.94 -10.69 -10.72
CA SER A 115 -7.60 -11.28 -10.82
C SER A 115 -6.55 -10.22 -11.14
N ASN A 116 -6.95 -9.15 -11.83
CA ASN A 116 -6.06 -8.10 -12.33
C ASN A 116 -5.00 -8.64 -13.29
N LEU A 117 -5.27 -9.80 -13.87
CA LEU A 117 -4.51 -10.31 -15.01
C LEU A 117 -5.30 -9.99 -16.27
N TYR A 118 -4.79 -9.06 -17.07
CA TYR A 118 -5.49 -8.64 -18.27
C TYR A 118 -5.04 -9.45 -19.48
N HIS A 119 -5.89 -9.47 -20.50
CA HIS A 119 -5.49 -10.04 -21.78
C HIS A 119 -6.25 -9.32 -22.88
N ARG A 120 -5.76 -9.48 -24.11
CA ARG A 120 -6.33 -8.75 -25.24
C ARG A 120 -6.75 -9.72 -26.33
N GLU A 121 -7.96 -9.54 -26.84
CA GLU A 121 -8.47 -10.31 -27.96
C GLU A 121 -9.15 -9.33 -28.89
N ARG A 122 -8.75 -9.38 -30.17
CA ARG A 122 -9.21 -8.44 -31.19
C ARG A 122 -9.03 -7.04 -30.61
N THR A 123 -10.07 -6.20 -30.56
CA THR A 123 -9.90 -4.82 -30.16
C THR A 123 -10.25 -4.59 -28.70
N SER A 124 -10.34 -5.65 -27.91
CA SER A 124 -10.83 -5.55 -26.54
C SER A 124 -9.79 -6.08 -25.57
N THR A 125 -9.41 -5.23 -24.61
CA THR A 125 -8.61 -5.61 -23.45
C THR A 125 -9.55 -5.82 -22.26
N ASP A 126 -9.46 -7.01 -21.65
CA ASP A 126 -10.37 -7.41 -20.57
C ASP A 126 -9.61 -8.10 -19.45
N VAL A 127 -10.16 -8.05 -18.26
CA VAL A 127 -9.56 -8.79 -17.15
C VAL A 127 -9.93 -10.26 -17.26
N MET A 128 -9.00 -11.15 -16.91
CA MET A 128 -9.29 -12.58 -16.90
C MET A 128 -10.18 -12.91 -15.70
N ASP A 129 -11.23 -13.70 -15.92
CA ASP A 129 -11.94 -14.23 -14.78
C ASP A 129 -11.11 -15.36 -14.16
N SER A 130 -11.60 -15.91 -13.05
CA SER A 130 -10.79 -16.83 -12.26
CA SER A 130 -10.80 -16.83 -12.26
C SER A 130 -10.41 -18.07 -13.05
N GLN A 131 -11.34 -18.58 -13.87
CA GLN A 131 -11.06 -19.79 -14.65
C GLN A 131 -10.07 -19.51 -15.78
N GLU A 132 -10.24 -18.38 -16.49
CA GLU A 132 -9.24 -17.94 -17.45
C GLU A 132 -7.89 -17.74 -16.78
N ALA A 133 -7.88 -17.07 -15.63
CA ALA A 133 -6.62 -16.88 -14.93
C ALA A 133 -5.96 -18.21 -14.62
N LEU A 134 -6.75 -19.20 -14.18
CA LEU A 134 -6.18 -20.49 -13.80
C LEU A 134 -5.59 -21.20 -15.01
N ALA A 135 -6.33 -21.22 -16.11
CA ALA A 135 -5.81 -21.82 -17.35
C ALA A 135 -4.53 -21.11 -17.82
N PHE A 136 -4.52 -19.78 -17.74
CA PHE A 136 -3.33 -19.02 -18.14
C PHE A 136 -2.13 -19.38 -17.29
N LEU A 137 -2.30 -19.40 -15.96
CA LEU A 137 -1.18 -19.72 -15.07
C LEU A 137 -0.69 -21.14 -15.30
N LYS A 138 -1.62 -22.08 -15.48
CA LYS A 138 -1.23 -23.48 -15.72
C LYS A 138 -0.46 -23.61 -17.03
N CYS A 139 -0.84 -22.85 -18.04
CA CYS A 139 -0.09 -22.87 -19.30
C CYS A 139 1.30 -22.27 -19.10
N ARG A 140 1.39 -21.11 -18.46
CA ARG A 140 2.67 -20.44 -18.31
C ARG A 140 3.64 -21.23 -17.47
N THR A 141 3.14 -22.06 -16.56
CA THR A 141 4.07 -22.80 -15.72
C THR A 141 4.66 -24.02 -16.42
N GLN A 142 4.12 -24.40 -17.59
CA GLN A 142 4.48 -25.64 -18.28
C GLN A 142 5.21 -25.40 -19.59
N THR A 143 5.76 -24.20 -19.83
CA THR A 143 6.20 -23.86 -21.19
C THR A 143 7.41 -24.69 -21.64
N PRO A 144 8.55 -24.67 -20.93
CA PRO A 144 9.70 -25.39 -21.49
C PRO A 144 9.88 -26.80 -20.91
N GLU A 165 9.85 -15.58 -32.38
CA GLU A 165 8.55 -15.88 -32.99
C GLU A 165 8.07 -14.74 -33.91
N GLY A 166 9.00 -14.22 -34.72
CA GLY A 166 8.65 -13.25 -35.74
C GLY A 166 8.28 -11.86 -35.24
N ASN A 167 8.11 -10.92 -36.17
CA ASN A 167 7.69 -9.57 -35.82
C ASN A 167 6.24 -9.58 -35.34
N ILE A 168 5.96 -8.73 -34.34
CA ILE A 168 4.62 -8.68 -33.78
C ILE A 168 3.66 -8.00 -34.77
N ASN A 169 4.04 -6.82 -35.27
CA ASN A 169 3.24 -6.10 -36.26
C ASN A 169 4.11 -5.02 -36.90
N VAL A 170 4.52 -5.22 -38.16
CA VAL A 170 5.50 -4.35 -38.78
C VAL A 170 4.89 -2.98 -39.12
N SER A 171 3.61 -2.97 -39.50
CA SER A 171 2.93 -1.69 -39.69
CA SER A 171 2.93 -1.69 -39.69
C SER A 171 2.97 -0.86 -38.41
N ALA A 172 2.71 -1.50 -37.27
CA ALA A 172 2.80 -0.80 -36.00
C ALA A 172 4.24 -0.38 -35.72
N ALA A 173 5.22 -1.21 -36.09
CA ALA A 173 6.62 -0.83 -35.91
C ALA A 173 6.95 0.43 -36.68
N ALA A 174 6.46 0.52 -37.91
CA ALA A 174 6.71 1.68 -38.76
C ALA A 174 6.08 2.94 -38.16
N LEU A 175 4.88 2.80 -37.56
CA LEU A 175 4.27 3.95 -36.91
C LEU A 175 5.03 4.33 -35.64
N PHE A 176 5.50 3.32 -34.90
CA PHE A 176 6.07 3.52 -33.57
C PHE A 176 7.28 4.45 -33.59
N ASP A 177 8.13 4.38 -34.60
CA ASP A 177 9.35 5.17 -34.45
C ASP A 177 9.34 6.45 -35.28
N ARG A 178 8.18 6.80 -35.85
CA ARG A 178 8.06 8.07 -36.57
C ARG A 178 8.31 9.24 -35.62
N LYS A 179 8.79 10.34 -36.18
CA LYS A 179 9.00 11.51 -35.32
CA LYS A 179 9.00 11.51 -35.32
C LYS A 179 7.80 12.43 -35.31
N ARG A 180 6.99 12.43 -36.37
CA ARG A 180 5.88 13.39 -36.41
C ARG A 180 4.65 12.87 -37.14
N LEU A 181 3.50 13.27 -36.63
CA LEU A 181 2.19 12.95 -37.18
C LEU A 181 1.41 14.25 -37.38
N GLN A 182 0.40 14.19 -38.23
CA GLN A 182 -0.46 15.35 -38.46
C GLN A 182 -1.66 15.28 -37.53
N TYR A 183 -1.95 16.37 -36.83
CA TYR A 183 -3.17 16.47 -36.03
C TYR A 183 -4.39 16.06 -36.84
N LEU A 184 -5.15 15.11 -36.30
CA LEU A 184 -6.41 14.57 -36.80
C LEU A 184 -6.25 13.68 -38.03
N GLU A 185 -5.03 13.34 -38.43
CA GLU A 185 -4.92 12.36 -39.51
C GLU A 185 -5.49 11.02 -39.06
N LYS A 186 -6.13 10.32 -39.98
CA LYS A 186 -6.69 9.01 -39.68
C LYS A 186 -5.64 7.96 -39.99
N LEU A 187 -5.28 7.15 -39.00
CA LEU A 187 -4.23 6.17 -39.21
C LEU A 187 -4.78 4.99 -40.02
N ASN A 188 -3.91 4.41 -40.85
CA ASN A 188 -4.31 3.18 -41.53
C ASN A 188 -4.15 1.96 -40.63
N LEU A 189 -3.35 2.07 -39.59
CA LEU A 189 -3.18 0.98 -38.65
C LEU A 189 -4.46 0.78 -37.87
N PRO A 190 -5.10 -0.38 -37.94
CA PRO A 190 -6.28 -0.63 -37.10
C PRO A 190 -5.86 -1.20 -35.74
N GLU A 191 -6.78 -1.14 -34.79
CA GLU A 191 -6.60 -1.88 -33.55
C GLU A 191 -6.69 -3.37 -33.82
N SER A 192 -6.10 -4.15 -32.93
CA SER A 192 -6.04 -5.59 -33.08
C SER A 192 -5.48 -6.16 -31.79
N THR A 193 -5.32 -7.48 -31.76
CA THR A 193 -4.66 -8.14 -30.63
C THR A 193 -3.32 -7.49 -30.29
N HIS A 194 -2.64 -6.88 -31.27
CA HIS A 194 -1.33 -6.29 -31.04
C HIS A 194 -1.29 -4.77 -31.08
N VAL A 195 -2.43 -4.10 -31.23
CA VAL A 195 -2.44 -2.63 -31.33
C VAL A 195 -3.64 -2.10 -30.55
N GLU A 196 -3.38 -1.16 -29.63
CA GLU A 196 -4.45 -0.50 -28.89
C GLU A 196 -4.25 1.01 -28.97
N PHE A 197 -5.35 1.73 -29.13
CA PHE A 197 -5.36 3.19 -29.14
C PHE A 197 -6.06 3.67 -27.87
N VAL A 198 -5.45 4.63 -27.17
CA VAL A 198 -6.01 5.11 -25.90
C VAL A 198 -5.98 6.63 -25.91
N MET A 199 -7.10 7.25 -25.50
CA MET A 199 -7.10 8.70 -25.31
C MET A 199 -6.37 9.11 -24.02
N PHE A 200 -5.65 10.21 -24.08
CA PHE A 200 -5.21 10.85 -22.85
C PHE A 200 -6.43 11.42 -22.13
N SER A 201 -6.39 11.39 -20.81
CA SER A 201 -7.30 12.20 -20.01
C SER A 201 -6.62 13.52 -19.66
N THR A 202 -7.37 14.41 -19.02
CA THR A 202 -6.85 15.75 -18.75
C THR A 202 -5.62 15.70 -17.86
N ASP A 203 -5.66 14.89 -16.81
CA ASP A 203 -4.50 14.65 -15.96
C ASP A 203 -3.76 13.44 -16.53
N VAL A 204 -2.72 13.69 -17.32
CA VAL A 204 -2.04 12.59 -18.01
C VAL A 204 -1.36 11.66 -17.02
N SER A 205 -0.89 12.18 -15.88
CA SER A 205 -0.31 11.30 -14.87
C SER A 205 -1.33 10.28 -14.38
N HIS A 206 -2.56 10.74 -14.11
CA HIS A 206 -3.60 9.76 -13.76
C HIS A 206 -3.91 8.86 -14.94
N CYS A 207 -3.88 9.40 -16.16
CA CYS A 207 -4.18 8.59 -17.33
C CYS A 207 -3.22 7.41 -17.41
N VAL A 208 -1.92 7.68 -17.34
CA VAL A 208 -0.96 6.59 -17.40
C VAL A 208 -1.11 5.68 -16.18
N LYS A 209 -1.15 6.26 -14.97
CA LYS A 209 -1.22 5.45 -13.76
C LYS A 209 -2.44 4.53 -13.73
N ASP A 210 -3.55 4.93 -14.34
CA ASP A 210 -4.76 4.11 -14.32
C ASP A 210 -4.82 3.15 -15.50
N ARG A 211 -4.51 3.62 -16.71
CA ARG A 211 -4.74 2.82 -17.89
C ARG A 211 -3.54 1.95 -18.27
N LEU A 212 -2.33 2.50 -18.22
CA LEU A 212 -1.16 1.75 -18.67
C LEU A 212 -1.00 0.40 -17.99
N PRO A 213 -1.27 0.22 -16.69
CA PRO A 213 -1.10 -1.13 -16.09
C PRO A 213 -1.97 -2.18 -16.79
N LYS A 214 -3.19 -1.82 -17.16
CA LYS A 214 -4.04 -2.77 -17.85
C LYS A 214 -3.48 -3.11 -19.21
N CYS A 215 -3.06 -2.08 -19.97
CA CYS A 215 -2.47 -2.30 -21.30
C CYS A 215 -1.24 -3.20 -21.23
N VAL A 216 -0.35 -2.91 -20.28
CA VAL A 216 0.91 -3.65 -20.17
C VAL A 216 0.62 -5.09 -19.72
N SER A 217 -0.24 -5.25 -18.71
CA SER A 217 -0.64 -6.58 -18.30
C SER A 217 -1.17 -7.37 -19.50
N ALA A 218 -2.07 -6.75 -20.27
CA ALA A 218 -2.71 -7.47 -21.36
C ALA A 218 -1.73 -7.85 -22.46
N PHE A 219 -0.88 -6.91 -22.87
CA PHE A 219 0.08 -7.24 -23.93
C PHE A 219 1.10 -8.26 -23.46
N ALA A 220 1.62 -8.12 -22.24
CA ALA A 220 2.59 -9.09 -21.74
C ALA A 220 1.99 -10.49 -21.61
N ASN A 221 0.74 -10.60 -21.15
CA ASN A 221 0.07 -11.88 -20.96
C ASN A 221 -0.49 -12.44 -22.25
N THR A 222 -0.48 -11.69 -23.35
CA THR A 222 -1.06 -12.19 -24.58
C THR A 222 0.10 -12.40 -25.56
N GLU A 223 0.24 -11.58 -26.60
CA GLU A 223 1.25 -11.83 -27.62
C GLU A 223 2.18 -10.63 -27.82
N GLY A 224 2.22 -9.70 -26.85
CA GLY A 224 2.93 -8.45 -27.04
C GLY A 224 2.12 -7.51 -27.93
N GLY A 225 2.53 -6.25 -27.98
CA GLY A 225 1.84 -5.30 -28.84
C GLY A 225 2.20 -3.87 -28.53
N TYR A 226 1.46 -2.96 -29.15
CA TYR A 226 1.76 -1.54 -29.12
C TYR A 226 0.53 -0.79 -28.63
N VAL A 227 0.71 0.14 -27.70
CA VAL A 227 -0.36 1.05 -27.30
C VAL A 227 0.07 2.47 -27.66
N PHE A 228 -0.83 3.20 -28.31
CA PHE A 228 -0.62 4.59 -28.70
C PHE A 228 -1.57 5.45 -27.87
N PHE A 229 -1.01 6.13 -26.85
CA PHE A 229 -1.73 7.13 -26.09
C PHE A 229 -1.81 8.44 -26.88
N GLY A 230 -3.01 8.99 -26.99
CA GLY A 230 -3.25 10.15 -27.84
C GLY A 230 -3.90 9.85 -29.16
N VAL A 231 -4.29 8.61 -29.40
CA VAL A 231 -5.08 8.24 -30.59
C VAL A 231 -6.48 7.86 -30.13
N HIS A 232 -7.50 8.45 -30.77
CA HIS A 232 -8.90 8.11 -30.47
C HIS A 232 -9.27 6.77 -31.12
N ASP A 233 -9.80 5.83 -30.32
CA ASP A 233 -9.96 4.47 -30.83
C ASP A 233 -11.09 4.35 -31.85
N GLU A 234 -12.21 5.04 -31.64
CA GLU A 234 -13.32 4.81 -32.55
C GLU A 234 -13.06 5.39 -33.93
N THR A 235 -12.37 6.53 -34.02
CA THR A 235 -12.07 7.15 -35.30
C THR A 235 -10.67 6.79 -35.83
N CYS A 236 -9.80 6.23 -35.00
CA CYS A 236 -8.38 6.01 -35.31
C CYS A 236 -7.68 7.31 -35.74
N GLN A 237 -8.10 8.45 -35.21
CA GLN A 237 -7.48 9.72 -35.53
C GLN A 237 -6.47 10.14 -34.46
N VAL A 238 -5.38 10.76 -34.93
CA VAL A 238 -4.31 11.26 -34.07
C VAL A 238 -4.80 12.52 -33.37
N ILE A 239 -4.78 12.51 -32.03
CA ILE A 239 -5.15 13.67 -31.22
C ILE A 239 -3.94 14.25 -30.52
N GLY A 240 -3.27 13.44 -29.71
CA GLY A 240 -2.13 13.90 -28.94
C GLY A 240 -2.53 14.66 -27.70
N CYS A 241 -1.57 14.77 -26.78
CA CYS A 241 -1.70 15.61 -25.58
CA CYS A 241 -1.74 15.64 -25.61
C CYS A 241 -1.03 16.96 -25.86
N GLU A 242 -1.72 18.05 -25.50
CA GLU A 242 -1.17 19.40 -25.70
C GLU A 242 0.24 19.47 -25.15
N LYS A 243 1.13 20.10 -25.92
CA LYS A 243 2.54 20.12 -25.52
C LYS A 243 2.73 20.86 -24.19
N GLU A 244 1.88 21.85 -23.91
CA GLU A 244 2.00 22.57 -22.65
C GLU A 244 1.64 21.70 -21.45
N LYS A 245 1.00 20.55 -21.65
CA LYS A 245 0.61 19.68 -20.55
C LYS A 245 1.55 18.50 -20.36
N ILE A 246 2.69 18.48 -21.06
CA ILE A 246 3.60 17.35 -21.04
C ILE A 246 5.00 17.81 -20.72
N ASP A 247 5.65 17.12 -19.80
CA ASP A 247 7.10 17.17 -19.65
C ASP A 247 7.63 15.81 -20.07
N LEU A 248 8.33 15.76 -21.21
CA LEU A 248 8.67 14.48 -21.81
C LEU A 248 9.54 13.62 -20.89
N THR A 249 10.61 14.18 -20.33
CA THR A 249 11.56 13.31 -19.62
C THR A 249 10.98 12.77 -18.33
N SER A 250 10.11 13.54 -17.67
CA SER A 250 9.46 13.05 -16.47
C SER A 250 8.31 12.11 -16.78
N LEU A 251 7.61 12.30 -17.91
CA LEU A 251 6.60 11.32 -18.28
C LEU A 251 7.25 9.98 -18.59
N ARG A 252 8.39 10.01 -19.27
CA ARG A 252 9.16 8.79 -19.52
C ARG A 252 9.57 8.11 -18.22
N ALA A 253 10.06 8.91 -17.26
CA ALA A 253 10.35 8.38 -15.92
C ALA A 253 9.12 7.75 -15.28
N SER A 254 7.98 8.43 -15.30
CA SER A 254 6.80 7.92 -14.62
C SER A 254 6.26 6.67 -15.30
N ILE A 255 6.37 6.57 -16.62
CA ILE A 255 5.99 5.34 -17.30
C ILE A 255 6.90 4.20 -16.87
N ASP A 256 8.22 4.45 -16.81
CA ASP A 256 9.10 3.39 -16.32
C ASP A 256 8.72 2.97 -14.89
N GLY A 257 8.36 3.94 -14.04
CA GLY A 257 8.06 3.61 -12.66
C GLY A 257 6.76 2.84 -12.53
N CYS A 258 5.77 3.22 -13.33
CA CYS A 258 4.52 2.48 -13.42
C CYS A 258 4.78 1.02 -13.80
N ILE A 259 5.60 0.80 -14.83
CA ILE A 259 5.82 -0.57 -15.28
C ILE A 259 6.64 -1.36 -14.27
N LYS A 260 7.69 -0.75 -13.70
CA LYS A 260 8.49 -1.46 -12.69
C LYS A 260 7.65 -1.80 -11.46
N LYS A 261 6.59 -1.04 -11.22
CA LYS A 261 5.72 -1.26 -10.08
C LYS A 261 4.75 -2.43 -10.28
N LEU A 262 4.56 -2.93 -11.50
CA LEU A 262 3.57 -3.98 -11.75
C LEU A 262 3.98 -5.30 -11.10
N PRO A 263 3.10 -5.91 -10.29
CA PRO A 263 3.42 -7.25 -9.76
C PRO A 263 3.55 -8.25 -10.88
N VAL A 264 4.52 -9.16 -10.74
CA VAL A 264 4.68 -10.26 -11.68
C VAL A 264 4.87 -11.52 -10.86
N HIS A 265 4.53 -12.65 -11.47
CA HIS A 265 4.90 -13.93 -10.89
C HIS A 265 5.60 -14.76 -11.95
N HIS A 266 6.79 -15.27 -11.63
CA HIS A 266 7.56 -16.07 -12.57
C HIS A 266 7.46 -17.55 -12.23
N PHE A 267 7.36 -18.37 -13.29
CA PHE A 267 7.57 -19.81 -13.18
C PHE A 267 8.91 -20.23 -13.77
N CYS A 268 9.76 -19.29 -14.12
CA CYS A 268 10.99 -19.54 -14.86
C CYS A 268 12.19 -19.37 -13.94
N THR A 269 13.39 -19.61 -14.47
CA THR A 269 14.57 -19.41 -13.64
C THR A 269 15.21 -18.03 -13.83
N GLN A 270 15.19 -17.50 -15.06
CA GLN A 270 15.88 -16.25 -15.35
C GLN A 270 15.16 -15.03 -14.78
N ARG A 271 13.83 -15.07 -14.73
CA ARG A 271 13.02 -14.02 -14.12
C ARG A 271 13.26 -12.62 -14.66
N PRO A 272 13.15 -12.40 -15.97
CA PRO A 272 13.43 -11.06 -16.50
C PRO A 272 12.38 -10.02 -16.11
N GLU A 273 12.81 -8.77 -16.12
CA GLU A 273 11.86 -7.67 -16.02
C GLU A 273 11.00 -7.60 -17.29
N ILE A 274 9.86 -6.91 -17.18
CA ILE A 274 9.05 -6.65 -18.36
C ILE A 274 9.86 -5.83 -19.35
N LYS A 275 9.79 -6.19 -20.62
CA LYS A 275 10.53 -5.45 -21.65
C LYS A 275 9.57 -4.56 -22.43
N TYR A 276 9.94 -3.30 -22.61
CA TYR A 276 9.13 -2.39 -23.39
C TYR A 276 10.03 -1.35 -24.03
N VAL A 277 9.48 -0.62 -25.00
CA VAL A 277 10.18 0.47 -25.68
C VAL A 277 9.19 1.63 -25.78
N LEU A 278 9.69 2.85 -25.58
CA LEU A 278 8.85 4.04 -25.58
C LEU A 278 9.36 5.06 -26.59
N ASN A 279 8.43 5.67 -27.34
CA ASN A 279 8.77 6.76 -28.23
C ASN A 279 7.69 7.82 -28.13
N PHE A 280 8.09 9.09 -28.16
CA PHE A 280 7.16 10.21 -28.24
C PHE A 280 7.09 10.70 -29.67
N LEU A 281 5.89 10.75 -30.23
CA LEU A 281 5.64 11.22 -31.59
C LEU A 281 5.05 12.62 -31.53
N GLU A 282 5.65 13.55 -32.28
CA GLU A 282 5.16 14.92 -32.32
C GLU A 282 3.88 15.01 -33.14
N VAL A 283 2.96 15.86 -32.69
CA VAL A 283 1.71 16.10 -33.41
C VAL A 283 1.73 17.56 -33.85
N HIS A 284 1.70 17.76 -35.16
CA HIS A 284 1.81 19.06 -35.81
C HIS A 284 0.50 19.47 -36.47
N ASP A 285 0.25 20.77 -36.49
CA ASP A 285 -0.88 21.28 -37.24
C ASP A 285 -0.54 22.67 -37.73
N LYS A 286 -0.88 22.96 -38.98
CA LYS A 286 -0.66 24.27 -39.58
C LYS A 286 0.79 24.71 -39.39
N GLY A 287 1.71 23.76 -39.53
CA GLY A 287 3.13 24.05 -39.50
C GLY A 287 3.73 24.35 -38.15
N ALA A 288 3.07 23.95 -37.06
CA ALA A 288 3.62 24.11 -35.73
C ALA A 288 3.42 22.84 -34.91
N LEU A 289 4.36 22.58 -34.01
CA LEU A 289 4.19 21.48 -33.06
C LEU A 289 3.08 21.83 -32.08
N ARG A 290 2.15 20.91 -31.87
CA ARG A 290 1.06 21.16 -30.94
CA ARG A 290 1.00 21.12 -31.00
C ARG A 290 0.92 20.15 -29.83
N GLY A 291 1.40 18.93 -30.00
CA GLY A 291 1.23 17.98 -28.92
C GLY A 291 2.08 16.75 -29.15
N TYR A 292 1.79 15.70 -28.37
CA TYR A 292 2.52 14.44 -28.46
C TYR A 292 1.60 13.23 -28.36
N VAL A 293 1.97 12.18 -29.07
CA VAL A 293 1.47 10.83 -28.91
C VAL A 293 2.54 10.04 -28.18
N CYS A 294 2.13 9.23 -27.20
CA CYS A 294 3.08 8.37 -26.49
C CYS A 294 2.90 6.94 -26.98
N ALA A 295 3.88 6.41 -27.71
CA ALA A 295 3.84 5.05 -28.22
C ALA A 295 4.67 4.13 -27.32
N ILE A 296 4.08 3.00 -26.93
CA ILE A 296 4.76 2.02 -26.09
C ILE A 296 4.58 0.64 -26.71
N LYS A 297 5.70 -0.02 -27.02
CA LYS A 297 5.68 -1.44 -27.38
C LYS A 297 5.99 -2.27 -26.14
N VAL A 298 5.13 -3.24 -25.85
CA VAL A 298 5.30 -4.16 -24.73
C VAL A 298 5.52 -5.56 -25.30
N GLU A 299 6.64 -6.18 -24.95
CA GLU A 299 6.91 -7.54 -25.41
C GLU A 299 6.07 -8.57 -24.64
N LYS A 300 5.78 -9.67 -25.33
CA LYS A 300 5.21 -10.85 -24.67
C LYS A 300 6.11 -11.30 -23.53
N PHE A 301 5.51 -11.59 -22.38
CA PHE A 301 6.24 -11.93 -21.15
C PHE A 301 6.34 -13.45 -21.04
N CYS A 302 7.41 -13.89 -20.37
CA CYS A 302 7.58 -15.31 -20.10
C CYS A 302 6.46 -15.84 -19.19
N CYS A 303 6.10 -15.06 -18.16
CA CYS A 303 5.18 -15.57 -17.15
C CYS A 303 3.95 -14.68 -16.99
N ALA A 304 3.63 -14.18 -15.78
CA ALA A 304 2.38 -13.48 -15.55
C ALA A 304 2.63 -12.04 -15.11
N VAL A 305 1.94 -11.08 -15.73
CA VAL A 305 2.02 -9.67 -15.34
C VAL A 305 0.65 -9.25 -14.84
N PHE A 306 0.62 -8.68 -13.64
CA PHE A 306 -0.61 -8.18 -13.03
C PHE A 306 -0.67 -6.67 -13.18
N ALA A 307 -1.87 -6.13 -13.42
CA ALA A 307 -2.04 -4.68 -13.41
C ALA A 307 -1.83 -4.12 -12.01
N LYS A 308 -2.10 -4.93 -10.98
CA LYS A 308 -1.92 -4.61 -9.56
C LYS A 308 -2.26 -5.86 -8.76
N VAL A 309 -2.13 -5.80 -7.44
CA VAL A 309 -2.30 -7.04 -6.65
C VAL A 309 -3.72 -7.56 -6.87
N PRO A 310 -3.89 -8.86 -7.13
CA PRO A 310 -5.25 -9.42 -7.27
C PRO A 310 -6.12 -9.02 -6.09
N SER A 311 -7.38 -8.73 -6.39
CA SER A 311 -8.32 -8.35 -5.34
C SER A 311 -8.98 -9.62 -4.84
N SER A 312 -8.34 -10.23 -3.85
CA SER A 312 -8.83 -11.42 -3.18
CA SER A 312 -8.87 -11.40 -3.17
C SER A 312 -8.62 -11.23 -1.68
N TRP A 313 -9.57 -11.69 -0.87
CA TRP A 313 -9.59 -11.35 0.55
C TRP A 313 -9.85 -12.56 1.42
N GLN A 314 -9.47 -12.41 2.69
CA GLN A 314 -9.66 -13.46 3.71
C GLN A 314 -9.78 -12.80 5.08
N VAL A 315 -10.28 -13.56 6.04
CA VAL A 315 -10.26 -13.12 7.43
C VAL A 315 -9.00 -13.68 8.08
N LYS A 316 -8.20 -12.79 8.66
CA LYS A 316 -6.92 -13.18 9.25
C LYS A 316 -6.65 -12.26 10.42
N ASP A 317 -6.35 -12.87 11.58
CA ASP A 317 -6.05 -12.13 12.80
C ASP A 317 -7.15 -11.11 13.10
N ASN A 318 -8.39 -11.56 12.96
CA ASN A 318 -9.57 -10.74 13.25
C ASN A 318 -9.61 -9.49 12.37
N ARG A 319 -9.18 -9.62 11.11
CA ARG A 319 -9.25 -8.49 10.20
C ARG A 319 -9.51 -9.00 8.78
N VAL A 320 -10.19 -8.20 7.97
CA VAL A 320 -10.32 -8.51 6.55
C VAL A 320 -9.03 -8.08 5.85
N ARG A 321 -8.36 -9.04 5.20
CA ARG A 321 -7.00 -8.89 4.71
C ARG A 321 -6.92 -9.28 3.24
N GLN A 322 -6.23 -8.47 2.43
CA GLN A 322 -5.99 -8.82 1.04
C GLN A 322 -4.83 -9.78 0.94
N LEU A 323 -4.96 -10.79 0.08
CA LEU A 323 -3.86 -11.75 -0.12
C LEU A 323 -2.76 -11.11 -0.95
N PRO A 324 -1.49 -11.23 -0.55
CA PRO A 324 -0.39 -10.78 -1.41
C PRO A 324 -0.38 -11.58 -2.71
N THR A 325 0.19 -10.98 -3.75
CA THR A 325 0.24 -11.63 -5.06
C THR A 325 0.79 -13.04 -4.97
N ARG A 326 1.83 -13.23 -4.15
CA ARG A 326 2.45 -14.55 -4.04
C ARG A 326 1.48 -15.55 -3.42
N GLU A 327 0.76 -15.14 -2.38
CA GLU A 327 -0.19 -16.04 -1.73
C GLU A 327 -1.37 -16.36 -2.64
N TRP A 328 -1.93 -15.35 -3.30
CA TRP A 328 -2.99 -15.60 -4.26
C TRP A 328 -2.54 -16.60 -5.32
N THR A 329 -1.35 -16.38 -5.89
CA THR A 329 -0.89 -17.28 -6.94
C THR A 329 -0.69 -18.70 -6.40
N ALA A 330 -0.10 -18.82 -5.20
CA ALA A 330 0.15 -20.14 -4.64
C ALA A 330 -1.16 -20.88 -4.41
N TRP A 331 -2.16 -20.20 -3.85
CA TRP A 331 -3.46 -20.82 -3.68
CA TRP A 331 -3.46 -20.82 -3.68
C TRP A 331 -4.07 -21.19 -5.02
N MET A 332 -3.94 -20.32 -6.03
CA MET A 332 -4.48 -20.62 -7.36
C MET A 332 -3.83 -21.88 -7.94
N MET A 333 -2.53 -22.06 -7.73
CA MET A 333 -1.84 -23.22 -8.28
C MET A 333 -2.11 -24.49 -7.47
N GLU A 334 -3.01 -24.43 -6.49
CA GLU A 334 -3.41 -25.55 -5.62
C GLU A 334 -2.29 -25.96 -4.67
N ILE B 5 4.51 7.86 30.71
CA ILE B 5 4.10 6.46 30.81
C ILE B 5 4.09 6.07 32.29
N ASP B 6 3.65 7.01 33.13
CA ASP B 6 3.52 6.72 34.56
C ASP B 6 2.36 5.78 34.80
N VAL B 7 2.51 4.53 34.37
CA VAL B 7 1.46 3.54 34.52
C VAL B 7 1.82 2.63 35.68
N ASP B 8 1.33 2.95 36.87
CA ASP B 8 1.70 2.24 38.08
C ASP B 8 0.90 0.96 38.24
N THR B 9 1.49 -0.02 38.92
CA THR B 9 0.79 -1.26 39.19
C THR B 9 0.93 -1.62 40.67
N ASN B 10 -0.16 -2.16 41.23
CA ASN B 10 -0.18 -2.61 42.61
C ASN B 10 -1.01 -3.90 42.72
N CYS B 14 -1.71 -8.09 40.08
CA CYS B 14 -1.37 -7.30 38.90
C CYS B 14 -2.52 -6.38 38.48
N VAL B 15 -2.75 -5.31 39.24
CA VAL B 15 -3.72 -4.28 38.87
C VAL B 15 -2.95 -3.04 38.43
N VAL B 16 -3.30 -2.51 37.25
CA VAL B 16 -2.57 -1.42 36.62
C VAL B 16 -3.48 -0.20 36.55
N ASP B 17 -3.00 0.93 37.08
CA ASP B 17 -3.76 2.19 37.11
C ASP B 17 -3.43 3.00 35.87
N ALA B 18 -4.43 3.22 35.02
CA ALA B 18 -4.27 4.00 33.81
C ALA B 18 -4.65 5.47 34.01
N GLY B 19 -4.96 5.87 35.23
CA GLY B 19 -5.30 7.26 35.48
C GLY B 19 -6.70 7.62 34.97
N LYS B 20 -6.87 8.91 34.69
CA LYS B 20 -8.14 9.46 34.27
C LYS B 20 -8.30 9.38 32.77
N VAL B 21 -9.49 8.95 32.33
CA VAL B 21 -9.74 8.71 30.91
C VAL B 21 -11.15 9.21 30.57
N THR B 22 -11.30 9.74 29.37
CA THR B 22 -12.61 10.07 28.81
C THR B 22 -13.11 8.87 28.03
N LEU B 23 -14.36 8.48 28.24
CA LEU B 23 -14.88 7.29 27.56
C LEU B 23 -16.16 7.60 26.79
N GLY B 24 -16.40 6.83 25.74
CA GLY B 24 -17.52 7.02 24.85
C GLY B 24 -17.09 7.35 23.44
N THR B 25 -17.72 6.71 22.44
CA THR B 25 -17.36 6.98 21.05
C THR B 25 -17.47 8.48 20.73
N GLN B 26 -18.62 9.07 21.04
CA GLN B 26 -18.83 10.49 20.71
C GLN B 26 -17.93 11.39 21.55
N GLN B 27 -17.87 11.12 22.87
CA GLN B 27 -17.07 11.95 23.76
C GLN B 27 -15.59 11.92 23.39
N ARG B 28 -15.08 10.76 22.96
CA ARG B 28 -13.68 10.70 22.59
C ARG B 28 -13.46 11.28 21.20
N GLN B 29 -14.44 11.19 20.32
CA GLN B 29 -14.31 11.88 19.04
C GLN B 29 -14.21 13.38 19.25
N GLU B 30 -14.96 13.93 20.21
CA GLU B 30 -15.02 15.38 20.38
C GLU B 30 -13.95 15.94 21.32
N MET B 31 -13.20 15.10 22.02
CA MET B 31 -12.28 15.61 23.04
C MET B 31 -11.03 16.20 22.41
N ASP B 32 -10.22 16.84 23.25
CA ASP B 32 -8.88 17.27 22.85
C ASP B 32 -8.17 16.12 22.14
N PRO B 33 -7.79 16.30 20.87
CA PRO B 33 -7.18 15.18 20.14
C PRO B 33 -5.90 14.66 20.76
N ARG B 34 -5.03 15.54 21.23
CA ARG B 34 -3.75 15.06 21.74
C ARG B 34 -3.94 14.34 23.07
N LEU B 35 -4.90 14.80 23.87
CA LEU B 35 -5.27 14.09 25.10
C LEU B 35 -5.85 12.71 24.78
N ARG B 36 -6.73 12.64 23.77
CA ARG B 36 -7.24 11.37 23.28
C ARG B 36 -6.10 10.41 22.96
N GLU B 37 -5.07 10.89 22.27
CA GLU B 37 -3.98 10.01 21.88
C GLU B 37 -3.15 9.57 23.07
N LYS B 38 -2.87 10.48 24.01
CA LYS B 38 -2.14 10.09 25.22
C LYS B 38 -2.89 9.02 26.02
N GLN B 39 -4.21 9.17 26.13
CA GLN B 39 -4.99 8.18 26.87
C GLN B 39 -5.00 6.84 26.15
N ASN B 40 -5.18 6.85 24.83
CA ASN B 40 -5.17 5.61 24.07
C ASN B 40 -3.82 4.91 24.20
N GLU B 41 -2.73 5.68 24.22
CA GLU B 41 -1.41 5.05 24.31
C GLU B 41 -1.14 4.49 25.70
N ILE B 42 -1.59 5.20 26.75
CA ILE B 42 -1.48 4.63 28.09
C ILE B 42 -2.20 3.29 28.15
N ILE B 43 -3.44 3.26 27.66
CA ILE B 43 -4.21 2.02 27.69
C ILE B 43 -3.50 0.92 26.92
N LEU B 44 -2.99 1.23 25.72
CA LEU B 44 -2.39 0.20 24.89
C LEU B 44 -1.13 -0.36 25.54
N ARG B 45 -0.33 0.51 26.17
CA ARG B 45 0.87 0.02 26.86
C ARG B 45 0.51 -0.86 28.04
N ALA B 46 -0.55 -0.51 28.76
CA ALA B 46 -0.97 -1.34 29.89
C ALA B 46 -1.49 -2.69 29.40
N VAL B 47 -2.26 -2.68 28.30
CA VAL B 47 -2.71 -3.93 27.68
C VAL B 47 -1.52 -4.79 27.28
N CYS B 48 -0.56 -4.20 26.53
CA CYS B 48 0.58 -4.96 26.05
C CYS B 48 1.37 -5.57 27.21
N ALA B 49 1.59 -4.79 28.27
CA ALA B 49 2.33 -5.28 29.42
C ALA B 49 1.60 -6.44 30.12
N LEU B 50 0.29 -6.33 30.28
CA LEU B 50 -0.42 -7.41 30.94
C LEU B 50 -0.47 -8.65 30.05
N LEU B 51 -0.67 -8.47 28.74
CA LEU B 51 -0.60 -9.58 27.82
C LEU B 51 0.72 -10.31 27.97
N ASN B 52 1.81 -9.58 28.16
CA ASN B 52 3.11 -10.21 28.28
C ASN B 52 3.49 -10.58 29.72
N SER B 53 2.61 -10.37 30.69
CA SER B 53 3.00 -10.66 32.07
C SER B 53 1.96 -11.52 32.81
N GLY B 54 1.33 -12.46 32.12
CA GLY B 54 0.40 -13.36 32.78
C GLY B 54 -1.02 -12.84 32.95
N GLY B 55 -1.36 -11.72 32.30
CA GLY B 55 -2.69 -11.15 32.41
C GLY B 55 -2.85 -10.27 33.64
N GLY B 56 -4.00 -9.59 33.71
CA GLY B 56 -4.31 -8.78 34.87
C GLY B 56 -5.49 -7.87 34.61
N ILE B 57 -5.59 -6.81 35.41
CA ILE B 57 -6.72 -5.88 35.33
C ILE B 57 -6.20 -4.45 35.26
N ILE B 58 -6.77 -3.68 34.34
CA ILE B 58 -6.50 -2.25 34.20
C ILE B 58 -7.69 -1.50 34.79
N LYS B 59 -7.41 -0.58 35.71
CA LYS B 59 -8.41 0.32 36.26
C LYS B 59 -8.17 1.74 35.76
N ALA B 60 -9.25 2.43 35.41
CA ALA B 60 -9.21 3.82 35.00
C ALA B 60 -10.37 4.56 35.63
N GLU B 61 -10.15 5.81 36.01
CA GLU B 61 -11.24 6.66 36.47
C GLU B 61 -11.83 7.39 35.28
N ILE B 62 -13.16 7.40 35.19
CA ILE B 62 -13.83 8.02 34.05
C ILE B 62 -14.00 9.51 34.34
N GLU B 63 -13.43 10.34 33.47
CA GLU B 63 -13.46 11.81 33.67
C GLU B 63 -14.84 12.38 33.36
N ASN B 64 -15.45 11.96 32.26
CA ASN B 64 -16.67 12.61 31.81
C ASN B 64 -17.86 12.14 32.64
N LYS B 65 -18.63 13.11 33.11
CA LYS B 65 -19.83 12.83 33.88
C LYS B 65 -20.92 12.30 32.96
N GLY B 66 -21.76 11.44 33.51
CA GLY B 66 -22.86 10.88 32.75
C GLY B 66 -22.47 9.83 31.75
N TYR B 67 -21.26 9.27 31.84
CA TYR B 67 -20.89 8.21 30.93
C TYR B 67 -21.68 6.95 31.24
N ASN B 68 -22.18 6.30 30.18
CA ASN B 68 -22.91 5.04 30.30
C ASN B 68 -22.46 4.14 29.16
N TYR B 69 -21.72 3.07 29.51
CA TYR B 69 -21.09 2.24 28.49
C TYR B 69 -22.10 1.64 27.53
N GLU B 70 -23.23 1.12 28.05
CA GLU B 70 -24.18 0.44 27.18
C GLU B 70 -24.76 1.39 26.14
N ARG B 71 -24.80 2.67 26.45
CA ARG B 71 -25.33 3.69 25.56
C ARG B 71 -24.25 4.40 24.75
N HIS B 72 -23.10 4.68 25.35
CA HIS B 72 -22.08 5.53 24.75
C HIS B 72 -20.94 4.76 24.11
N GLY B 73 -20.75 3.49 24.45
CA GLY B 73 -19.63 2.76 23.92
C GLY B 73 -18.36 3.15 24.64
N VAL B 74 -17.23 2.75 24.06
CA VAL B 74 -15.90 2.99 24.64
C VAL B 74 -15.12 4.01 23.82
N GLY B 75 -14.85 3.72 22.55
CA GLY B 75 -14.14 4.67 21.72
C GLY B 75 -12.64 4.63 21.83
N LEU B 76 -12.06 3.51 22.26
CA LEU B 76 -10.62 3.32 22.27
C LEU B 76 -10.19 2.52 21.04
N ASP B 77 -9.01 2.84 20.50
CA ASP B 77 -8.44 2.14 19.35
C ASP B 77 -7.44 1.10 19.84
N VAL B 78 -7.79 -0.18 19.70
CA VAL B 78 -6.96 -1.31 20.12
C VAL B 78 -6.73 -2.24 18.93
N PRO B 79 -5.50 -2.72 18.70
CA PRO B 79 -5.25 -3.62 17.57
C PRO B 79 -6.19 -4.81 17.60
N PRO B 80 -6.73 -5.22 16.45
CA PRO B 80 -7.76 -6.27 16.46
C PRO B 80 -7.27 -7.56 17.07
N ILE B 81 -5.99 -7.89 16.91
CA ILE B 81 -5.49 -9.17 17.42
C ILE B 81 -5.50 -9.17 18.96
N PHE B 82 -5.41 -8.00 19.58
CA PHE B 82 -5.48 -7.92 21.05
C PHE B 82 -6.91 -8.10 21.57
N ARG B 83 -7.91 -7.77 20.75
CA ARG B 83 -9.27 -7.64 21.28
C ARG B 83 -9.81 -8.96 21.82
N SER B 84 -9.41 -10.09 21.23
CA SER B 84 -9.91 -11.37 21.71
C SER B 84 -9.44 -11.67 23.14
N HIS B 85 -8.45 -10.93 23.65
CA HIS B 85 -7.93 -11.14 25.00
C HIS B 85 -8.55 -10.21 26.03
N LEU B 86 -9.44 -9.32 25.63
CA LEU B 86 -9.92 -8.25 26.48
C LEU B 86 -11.38 -8.45 26.84
N ASP B 87 -11.74 -7.97 28.03
CA ASP B 87 -13.13 -7.75 28.42
C ASP B 87 -13.18 -6.50 29.29
N LYS B 88 -14.37 -5.94 29.49
CA LYS B 88 -14.45 -4.64 30.13
C LYS B 88 -15.74 -4.51 30.92
N MET B 89 -15.72 -3.64 31.93
CA MET B 89 -16.94 -3.27 32.64
C MET B 89 -16.82 -1.88 33.22
N GLN B 90 -17.94 -1.19 33.35
CA GLN B 90 -18.02 0.09 34.05
C GLN B 90 -18.59 -0.12 35.44
N LYS B 91 -17.90 0.42 36.45
CA LYS B 91 -18.37 0.44 37.84
C LYS B 91 -18.34 1.89 38.30
N GLU B 92 -19.48 2.57 38.14
CA GLU B 92 -19.67 3.97 38.56
C GLU B 92 -18.65 4.84 37.85
N ASN B 93 -17.78 5.57 38.56
CA ASN B 93 -16.78 6.43 37.95
CA ASN B 93 -16.78 6.42 37.93
C ASN B 93 -15.51 5.68 37.57
N HIS B 94 -15.52 4.34 37.58
CA HIS B 94 -14.35 3.55 37.23
C HIS B 94 -14.66 2.61 36.08
N PHE B 95 -13.62 2.29 35.31
CA PHE B 95 -13.67 1.40 34.15
C PHE B 95 -12.61 0.32 34.37
N LEU B 96 -12.97 -0.94 34.15
CA LEU B 96 -12.08 -2.07 34.35
C LEU B 96 -11.91 -2.82 33.05
N ILE B 97 -10.68 -3.15 32.71
CA ILE B 97 -10.34 -3.97 31.54
C ILE B 97 -9.62 -5.22 32.02
N PHE B 98 -10.23 -6.37 31.75
CA PHE B 98 -9.69 -7.69 32.04
C PHE B 98 -8.82 -8.07 30.84
N VAL B 99 -7.55 -8.39 31.09
CA VAL B 99 -6.58 -8.72 30.05
C VAL B 99 -6.12 -10.15 30.30
N LYS B 100 -6.42 -11.03 29.36
CA LYS B 100 -5.97 -12.41 29.45
C LYS B 100 -4.57 -12.54 28.87
N SER B 101 -3.85 -13.55 29.34
CA SER B 101 -2.47 -13.79 28.92
C SER B 101 -2.38 -14.01 27.40
N TRP B 102 -1.28 -13.54 26.83
CA TRP B 102 -1.01 -13.66 25.37
C TRP B 102 -1.01 -15.13 24.93
N ASN B 103 -1.57 -15.37 23.75
CA ASN B 103 -1.80 -16.70 23.13
C ASN B 103 -0.52 -17.53 22.90
N THR B 104 0.61 -16.91 22.55
CA THR B 104 1.87 -17.64 22.25
C THR B 104 1.61 -18.78 21.25
N GLY B 107 1.57 -18.11 17.11
CA GLY B 107 2.96 -18.52 17.05
C GLY B 107 3.92 -17.41 17.42
N VAL B 108 3.39 -16.19 17.54
CA VAL B 108 4.22 -15.04 17.90
C VAL B 108 4.46 -15.06 19.40
N PRO B 109 5.72 -14.97 19.86
CA PRO B 109 5.99 -15.25 21.28
C PRO B 109 5.44 -14.19 22.23
N LEU B 110 5.28 -12.94 21.81
CA LEU B 110 4.88 -11.91 22.77
C LEU B 110 4.11 -10.81 22.05
N ALA B 111 3.29 -10.10 22.82
CA ALA B 111 2.50 -9.02 22.27
C ALA B 111 3.39 -7.82 22.01
N THR B 112 3.29 -7.24 20.81
CA THR B 112 4.08 -6.09 20.42
C THR B 112 3.16 -5.01 19.83
N LEU B 113 3.28 -3.78 20.33
CA LEU B 113 2.53 -2.66 19.75
C LEU B 113 3.11 -2.21 18.41
N CYS B 114 4.44 -2.18 18.28
CA CYS B 114 5.09 -1.79 17.03
C CYS B 114 6.48 -2.41 17.01
N SER B 115 6.77 -3.22 15.98
CA SER B 115 8.09 -3.83 15.92
C SER B 115 9.18 -2.80 15.62
N ASN B 116 8.82 -1.70 14.96
CA ASN B 116 9.76 -0.68 14.51
C ASN B 116 10.82 -1.24 13.56
N LEU B 117 10.53 -2.39 12.95
CA LEU B 117 11.30 -2.92 11.83
C LEU B 117 10.58 -2.54 10.54
N TYR B 118 11.17 -1.65 9.75
CA TYR B 118 10.50 -1.19 8.55
C TYR B 118 10.99 -1.97 7.35
N HIS B 119 10.15 -1.99 6.31
CA HIS B 119 10.59 -2.56 5.04
C HIS B 119 9.86 -1.83 3.92
N ARG B 120 10.34 -2.03 2.70
CA ARG B 120 9.78 -1.31 1.56
C ARG B 120 9.34 -2.30 0.49
N GLU B 121 8.13 -2.10 -0.03
CA GLU B 121 7.64 -2.87 -1.16
C GLU B 121 7.07 -1.88 -2.16
N ARG B 122 7.49 -1.98 -3.42
CA ARG B 122 7.18 -0.93 -4.38
C ARG B 122 7.50 0.42 -3.79
N THR B 123 6.49 1.30 -3.78
CA THR B 123 6.67 2.67 -3.35
C THR B 123 6.15 2.92 -1.94
N SER B 124 6.04 1.86 -1.13
CA SER B 124 5.47 1.98 0.20
C SER B 124 6.43 1.46 1.26
N THR B 125 6.72 2.31 2.24
CA THR B 125 7.55 1.96 3.39
C THR B 125 6.64 1.77 4.61
N ASP B 126 6.68 0.58 5.20
CA ASP B 126 5.75 0.21 6.26
C ASP B 126 6.47 -0.56 7.36
N VAL B 127 5.89 -0.55 8.56
CA VAL B 127 6.44 -1.35 9.66
C VAL B 127 5.99 -2.79 9.47
N MET B 128 6.90 -3.73 9.79
CA MET B 128 6.52 -5.13 9.75
C MET B 128 5.60 -5.43 10.92
N ASP B 129 4.52 -6.16 10.67
CA ASP B 129 3.76 -6.69 11.80
C ASP B 129 4.56 -7.85 12.42
N SER B 130 4.01 -8.43 13.50
CA SER B 130 4.75 -9.42 14.28
C SER B 130 5.11 -10.65 13.46
N GLN B 131 4.18 -11.13 12.63
CA GLN B 131 4.47 -12.28 11.80
C GLN B 131 5.57 -11.97 10.78
N GLU B 132 5.47 -10.82 10.14
CA GLU B 132 6.51 -10.40 9.19
C GLU B 132 7.85 -10.27 9.88
N ALA B 133 7.87 -9.68 11.08
CA ALA B 133 9.12 -9.49 11.80
C ALA B 133 9.74 -10.83 12.16
N LEU B 134 8.92 -11.79 12.61
CA LEU B 134 9.44 -13.12 12.91
C LEU B 134 10.06 -13.76 11.66
N ALA B 135 9.33 -13.75 10.54
CA ALA B 135 9.87 -14.32 9.32
C ALA B 135 11.18 -13.66 8.94
N PHE B 136 11.24 -12.33 9.05
CA PHE B 136 12.44 -11.57 8.70
C PHE B 136 13.63 -11.97 9.56
N LEU B 137 13.42 -11.98 10.88
CA LEU B 137 14.50 -12.32 11.80
C LEU B 137 14.97 -13.75 11.57
N LYS B 138 14.03 -14.67 11.33
CA LYS B 138 14.40 -16.07 11.11
C LYS B 138 15.16 -16.26 9.80
N CYS B 139 14.83 -15.47 8.78
CA CYS B 139 15.57 -15.54 7.52
C CYS B 139 16.99 -14.98 7.69
N ARG B 140 17.13 -13.81 8.30
CA ARG B 140 18.44 -13.19 8.39
C ARG B 140 19.38 -13.90 9.36
N THR B 141 18.85 -14.69 10.30
CA THR B 141 19.75 -15.45 11.15
C THR B 141 20.33 -16.69 10.46
N GLN B 142 19.84 -17.02 9.26
CA GLN B 142 20.34 -18.18 8.51
C GLN B 142 21.40 -17.83 7.47
N THR B 143 21.42 -16.59 7.00
CA THR B 143 22.45 -16.08 6.10
C THR B 143 23.83 -16.49 6.62
N PRO B 144 24.65 -17.20 5.81
CA PRO B 144 25.85 -17.95 6.18
C PRO B 144 26.07 -18.15 7.68
N GLU B 165 25.14 -8.54 -6.47
CA GLU B 165 26.26 -7.65 -6.18
C GLU B 165 26.27 -6.50 -7.18
N GLY B 166 25.16 -6.35 -7.91
CA GLY B 166 25.03 -5.29 -8.89
C GLY B 166 24.50 -3.98 -8.30
N ASN B 167 24.48 -2.96 -9.14
CA ASN B 167 24.07 -1.62 -8.71
C ASN B 167 22.63 -1.61 -8.21
N ILE B 168 22.37 -0.82 -7.16
CA ILE B 168 21.03 -0.72 -6.61
C ILE B 168 20.09 -0.02 -7.60
N ASN B 169 20.50 1.12 -8.13
CA ASN B 169 19.69 1.86 -9.10
C ASN B 169 20.54 2.96 -9.71
N VAL B 170 20.92 2.78 -10.97
CA VAL B 170 21.88 3.67 -11.59
C VAL B 170 21.28 5.06 -11.84
N SER B 171 19.98 5.15 -12.17
CA SER B 171 19.39 6.48 -12.36
C SER B 171 19.45 7.27 -11.05
N ALA B 172 19.22 6.58 -9.94
CA ALA B 172 19.27 7.22 -8.64
C ALA B 172 20.71 7.62 -8.29
N ALA B 173 21.69 6.78 -8.65
CA ALA B 173 23.09 7.17 -8.47
C ALA B 173 23.46 8.41 -9.29
N ALA B 174 22.93 8.52 -10.51
CA ALA B 174 23.21 9.72 -11.32
C ALA B 174 22.63 10.98 -10.68
N LEU B 175 21.43 10.87 -10.09
CA LEU B 175 20.84 12.03 -9.39
C LEU B 175 21.57 12.32 -8.08
N PHE B 176 22.00 11.27 -7.37
CA PHE B 176 22.57 11.42 -6.03
C PHE B 176 23.77 12.36 -6.00
N ASP B 177 24.61 12.34 -7.03
CA ASP B 177 25.82 13.14 -6.87
C ASP B 177 25.79 14.42 -7.70
N ARG B 178 24.62 14.82 -8.16
CA ARG B 178 24.52 16.09 -8.85
C ARG B 178 24.84 17.23 -7.88
N LYS B 179 25.27 18.34 -8.43
CA LYS B 179 25.53 19.45 -7.54
C LYS B 179 24.33 20.38 -7.45
N ARG B 180 23.56 20.49 -8.52
CA ARG B 180 22.49 21.47 -8.53
C ARG B 180 21.26 20.98 -9.28
N LEU B 181 20.11 21.42 -8.79
CA LEU B 181 18.82 21.16 -9.41
C LEU B 181 18.08 22.49 -9.52
N GLN B 182 17.10 22.52 -10.40
CA GLN B 182 16.23 23.68 -10.55
CA GLN B 182 16.23 23.67 -10.55
C GLN B 182 14.99 23.50 -9.69
N TYR B 183 14.60 24.58 -9.00
CA TYR B 183 13.36 24.57 -8.24
C TYR B 183 12.20 24.13 -9.12
N LEU B 184 11.44 23.16 -8.62
CA LEU B 184 10.20 22.67 -9.24
C LEU B 184 10.46 21.85 -10.50
N GLU B 185 11.72 21.54 -10.81
CA GLU B 185 11.94 20.64 -11.93
C GLU B 185 11.38 19.26 -11.60
N LYS B 186 10.86 18.60 -12.62
CA LYS B 186 10.31 17.27 -12.49
C LYS B 186 11.44 16.26 -12.75
N LEU B 187 11.71 15.41 -11.77
CA LEU B 187 12.85 14.50 -11.85
C LEU B 187 12.65 13.42 -12.92
N ASN B 188 13.77 12.97 -13.51
CA ASN B 188 13.76 11.85 -14.44
C ASN B 188 13.86 10.49 -13.72
N LEU B 189 13.45 10.42 -12.46
CA LEU B 189 13.55 9.25 -11.60
C LEU B 189 12.20 9.03 -10.94
N PRO B 190 11.62 7.83 -11.00
CA PRO B 190 10.40 7.55 -10.23
C PRO B 190 10.74 6.94 -8.87
N GLU B 191 9.74 6.93 -7.99
CA GLU B 191 9.86 6.14 -6.78
C GLU B 191 9.79 4.65 -7.12
N SER B 192 10.38 3.83 -6.25
CA SER B 192 10.44 2.38 -6.44
C SER B 192 10.91 1.76 -5.13
N THR B 193 11.08 0.43 -5.15
CA THR B 193 11.58 -0.24 -3.96
CA THR B 193 11.58 -0.26 -3.97
C THR B 193 12.91 0.34 -3.51
N HIS B 194 13.69 0.89 -4.44
CA HIS B 194 15.01 1.46 -4.13
C HIS B 194 15.05 2.99 -4.12
N VAL B 195 13.93 3.68 -4.29
CA VAL B 195 13.92 5.14 -4.35
C VAL B 195 12.70 5.68 -3.60
N GLU B 196 12.94 6.57 -2.63
CA GLU B 196 11.88 7.23 -1.89
C GLU B 196 12.06 8.74 -1.92
N PHE B 197 10.96 9.47 -2.05
CA PHE B 197 10.96 10.93 -2.04
C PHE B 197 10.22 11.41 -0.80
N VAL B 198 10.87 12.27 -0.01
CA VAL B 198 10.29 12.69 1.26
C VAL B 198 10.30 14.22 1.33
N MET B 199 9.17 14.82 1.72
CA MET B 199 9.13 16.25 1.94
C MET B 199 9.82 16.61 3.25
N PHE B 200 10.56 17.71 3.25
CA PHE B 200 10.95 18.30 4.52
C PHE B 200 9.72 18.84 5.25
N SER B 201 9.69 18.66 6.56
CA SER B 201 8.73 19.41 7.37
C SER B 201 9.37 20.74 7.77
N THR B 202 8.58 21.61 8.42
CA THR B 202 9.07 22.94 8.77
C THR B 202 10.25 22.86 9.73
N ASP B 203 10.13 22.04 10.76
CA ASP B 203 11.22 21.77 11.70
C ASP B 203 12.07 20.67 11.10
N VAL B 204 13.21 21.03 10.50
CA VAL B 204 13.98 20.06 9.74
C VAL B 204 14.52 18.97 10.66
N SER B 205 14.96 19.34 11.86
CA SER B 205 15.49 18.36 12.78
C SER B 205 14.44 17.34 13.17
N HIS B 206 13.21 17.80 13.39
CA HIS B 206 12.10 16.88 13.68
C HIS B 206 11.83 15.96 12.50
N CYS B 207 11.84 16.53 11.29
CA CYS B 207 11.68 15.71 10.10
C CYS B 207 12.72 14.61 10.05
N VAL B 208 13.98 14.97 10.25
CA VAL B 208 15.06 13.99 10.25
C VAL B 208 14.78 12.92 11.30
N LYS B 209 14.68 13.32 12.56
CA LYS B 209 14.59 12.40 13.67
C LYS B 209 13.33 11.54 13.66
N ASP B 210 12.28 11.94 12.94
CA ASP B 210 11.06 11.13 12.87
CA ASP B 210 11.08 11.11 12.88
C ASP B 210 10.99 10.29 11.61
N ARG B 211 11.34 10.82 10.46
CA ARG B 211 11.16 10.12 9.20
CA ARG B 211 11.16 10.08 9.22
C ARG B 211 12.41 9.32 8.79
N LEU B 212 13.59 9.91 8.93
CA LEU B 212 14.79 9.22 8.47
C LEU B 212 14.97 7.83 9.10
N PRO B 213 14.75 7.62 10.40
CA PRO B 213 14.92 6.25 10.93
C PRO B 213 14.03 5.22 10.24
N LYS B 214 12.81 5.61 9.84
CA LYS B 214 11.96 4.66 9.13
C LYS B 214 12.54 4.34 7.76
N CYS B 215 13.02 5.38 7.05
CA CYS B 215 13.62 5.19 5.73
C CYS B 215 14.85 4.27 5.82
N VAL B 216 15.75 4.54 6.78
CA VAL B 216 16.99 3.77 6.90
C VAL B 216 16.69 2.33 7.31
N SER B 217 15.84 2.14 8.32
CA SER B 217 15.38 0.79 8.66
C SER B 217 14.85 0.06 7.43
N ALA B 218 13.98 0.72 6.67
CA ALA B 218 13.36 0.04 5.52
C ALA B 218 14.40 -0.35 4.47
N PHE B 219 15.25 0.60 4.08
CA PHE B 219 16.23 0.28 3.04
C PHE B 219 17.22 -0.77 3.52
N ALA B 220 17.69 -0.68 4.77
CA ALA B 220 18.64 -1.67 5.28
C ALA B 220 18.02 -3.05 5.36
N ASN B 221 16.74 -3.12 5.73
CA ASN B 221 16.07 -4.40 5.92
C ASN B 221 15.57 -4.98 4.62
N THR B 222 15.61 -4.21 3.53
CA THR B 222 15.08 -4.68 2.26
C THR B 222 16.24 -4.88 1.32
N GLU B 223 16.44 -4.01 0.31
CA GLU B 223 17.49 -4.21 -0.68
C GLU B 223 18.39 -2.98 -0.87
N GLY B 224 18.45 -2.09 0.11
CA GLY B 224 19.18 -0.85 -0.06
C GLY B 224 18.38 0.11 -0.92
N GLY B 225 18.80 1.36 -0.93
CA GLY B 225 18.13 2.33 -1.76
C GLY B 225 18.49 3.76 -1.38
N TYR B 226 17.77 4.69 -2.01
CA TYR B 226 18.08 6.11 -1.91
C TYR B 226 16.85 6.82 -1.41
N VAL B 227 17.01 7.76 -0.47
CA VAL B 227 15.92 8.65 -0.12
C VAL B 227 16.37 10.08 -0.39
N PHE B 228 15.49 10.84 -1.06
CA PHE B 228 15.74 12.24 -1.37
C PHE B 228 14.76 13.08 -0.55
N PHE B 229 15.30 13.75 0.48
CA PHE B 229 14.58 14.72 1.29
C PHE B 229 14.51 16.06 0.56
N GLY B 230 13.30 16.58 0.38
CA GLY B 230 13.12 17.79 -0.39
C GLY B 230 12.45 17.58 -1.73
N VAL B 231 11.97 16.38 -1.99
CA VAL B 231 11.27 16.06 -3.23
C VAL B 231 9.84 15.67 -2.86
N HIS B 232 8.88 16.24 -3.58
CA HIS B 232 7.48 15.89 -3.35
C HIS B 232 7.14 14.61 -4.08
N ASP B 233 6.59 13.63 -3.34
CA ASP B 233 6.48 12.29 -3.93
C ASP B 233 5.42 12.24 -5.03
N GLU B 234 4.27 12.89 -4.84
CA GLU B 234 3.20 12.76 -5.83
C GLU B 234 3.58 13.38 -7.17
N THR B 235 4.23 14.55 -7.16
CA THR B 235 4.63 15.20 -8.41
C THR B 235 6.06 14.90 -8.83
N CYS B 236 6.85 14.26 -7.97
CA CYS B 236 8.30 14.06 -8.20
C CYS B 236 8.99 15.37 -8.53
N GLN B 237 8.55 16.49 -7.92
CA GLN B 237 9.15 17.78 -8.16
C GLN B 237 10.15 18.16 -7.07
N VAL B 238 11.23 18.80 -7.48
CA VAL B 238 12.24 19.33 -6.57
C VAL B 238 11.69 20.52 -5.80
N ILE B 239 11.68 20.43 -4.48
CA ILE B 239 11.28 21.55 -3.61
C ILE B 239 12.46 22.09 -2.83
N GLY B 240 13.09 21.25 -2.01
CA GLY B 240 14.20 21.63 -1.20
C GLY B 240 13.77 22.32 0.10
N CYS B 241 14.69 22.33 1.06
CA CYS B 241 14.51 23.11 2.28
CA CYS B 241 14.52 23.10 2.28
C CYS B 241 15.20 24.45 2.10
N GLU B 242 14.57 25.51 2.62
CA GLU B 242 15.13 26.85 2.46
C GLU B 242 16.54 26.92 3.02
N LYS B 243 17.45 27.55 2.27
CA LYS B 243 18.85 27.60 2.70
C LYS B 243 19.01 28.32 4.03
N GLU B 244 18.12 29.27 4.34
CA GLU B 244 18.25 30.00 5.59
C GLU B 244 17.91 29.13 6.80
N LYS B 245 17.21 28.02 6.59
CA LYS B 245 16.81 27.17 7.72
C LYS B 245 17.93 26.26 8.19
N ILE B 246 18.93 25.99 7.35
CA ILE B 246 19.90 24.94 7.63
C ILE B 246 21.33 25.43 7.51
N ASP B 247 22.20 24.82 8.28
CA ASP B 247 23.65 24.87 8.08
C ASP B 247 24.06 23.46 7.69
N LEU B 248 24.72 23.32 6.54
CA LEU B 248 24.96 21.98 6.00
C LEU B 248 25.77 21.11 6.96
N THR B 249 26.76 21.69 7.65
CA THR B 249 27.55 20.90 8.60
C THR B 249 26.69 20.36 9.72
N SER B 250 25.83 21.21 10.32
CA SER B 250 24.97 20.74 11.41
CA SER B 250 25.00 20.73 11.41
C SER B 250 24.02 19.66 10.92
N LEU B 251 23.48 19.82 9.71
CA LEU B 251 22.51 18.85 9.21
C LEU B 251 23.18 17.51 8.91
N ARG B 252 24.37 17.55 8.29
CA ARG B 252 25.12 16.31 8.10
C ARG B 252 25.36 15.64 9.43
N ALA B 253 25.76 16.42 10.44
CA ALA B 253 26.02 15.83 11.74
C ALA B 253 24.76 15.24 12.36
N SER B 254 23.62 15.91 12.20
CA SER B 254 22.39 15.40 12.77
C SER B 254 21.98 14.10 12.10
N ILE B 255 22.21 13.99 10.80
CA ILE B 255 21.84 12.78 10.09
C ILE B 255 22.76 11.64 10.52
N ASP B 256 24.06 11.91 10.62
CA ASP B 256 24.99 10.90 11.11
C ASP B 256 24.63 10.44 12.51
N GLY B 257 24.27 11.38 13.39
CA GLY B 257 23.95 11.00 14.75
C GLY B 257 22.68 10.16 14.81
N CYS B 258 21.68 10.55 14.03
CA CYS B 258 20.45 9.76 13.93
C CYS B 258 20.76 8.32 13.53
N ILE B 259 21.51 8.15 12.45
CA ILE B 259 21.80 6.80 11.96
C ILE B 259 22.62 6.02 12.99
N LYS B 260 23.62 6.65 13.60
CA LYS B 260 24.42 5.93 14.59
C LYS B 260 23.61 5.52 15.82
N LYS B 261 22.49 6.20 16.11
CA LYS B 261 21.67 5.82 17.26
C LYS B 261 20.63 4.74 16.94
N LEU B 262 20.48 4.33 15.69
CA LEU B 262 19.47 3.33 15.36
C LEU B 262 19.82 1.97 15.97
N PRO B 263 18.90 1.31 16.67
CA PRO B 263 19.20 -0.01 17.21
C PRO B 263 19.43 -1.01 16.08
N VAL B 264 20.44 -1.86 16.25
CA VAL B 264 20.69 -2.93 15.30
C VAL B 264 20.81 -4.23 16.08
N HIS B 265 20.54 -5.33 15.40
CA HIS B 265 20.80 -6.64 16.00
C HIS B 265 21.45 -7.52 14.95
N HIS B 266 22.64 -8.03 15.27
CA HIS B 266 23.42 -8.84 14.34
C HIS B 266 23.30 -10.33 14.67
N PHE B 267 23.24 -11.14 13.62
CA PHE B 267 23.39 -12.59 13.73
C PHE B 267 24.71 -13.06 13.13
N CYS B 268 25.56 -12.15 12.68
CA CYS B 268 26.75 -12.45 11.90
C CYS B 268 28.01 -12.29 12.75
N THR B 269 29.16 -12.58 12.15
CA THR B 269 30.38 -12.46 12.93
C THR B 269 31.04 -11.08 12.81
N GLN B 270 30.97 -10.46 11.62
CA GLN B 270 31.71 -9.22 11.42
C GLN B 270 31.04 -8.01 12.07
N ARG B 271 29.71 -8.04 12.24
CA ARG B 271 28.98 -6.96 12.90
C ARG B 271 29.28 -5.57 12.36
N PRO B 272 29.13 -5.33 11.05
CA PRO B 272 29.40 -4.00 10.52
C PRO B 272 28.33 -2.99 10.91
N GLU B 273 28.72 -1.73 10.88
CA GLU B 273 27.77 -0.63 11.04
C GLU B 273 26.95 -0.43 9.77
N ILE B 274 25.82 0.27 9.93
CA ILE B 274 25.03 0.68 8.78
C ILE B 274 25.88 1.54 7.86
N LYS B 275 25.86 1.24 6.58
CA LYS B 275 26.63 2.00 5.60
CA LYS B 275 26.63 1.98 5.61
C LYS B 275 25.70 2.92 4.84
N TYR B 276 26.08 4.18 4.73
CA TYR B 276 25.27 5.13 4.00
C TYR B 276 26.20 6.16 3.37
N VAL B 277 25.67 6.92 2.43
CA VAL B 277 26.39 8.04 1.83
C VAL B 277 25.40 9.19 1.74
N LEU B 278 25.89 10.41 1.97
CA LEU B 278 25.03 11.59 1.98
C LEU B 278 25.59 12.65 1.04
N ASN B 279 24.71 13.30 0.30
CA ASN B 279 25.11 14.43 -0.52
C ASN B 279 24.02 15.49 -0.46
N PHE B 280 24.42 16.76 -0.45
CA PHE B 280 23.46 17.86 -0.53
C PHE B 280 23.45 18.43 -1.94
N LEU B 281 22.27 18.53 -2.54
CA LEU B 281 22.10 19.08 -3.87
C LEU B 281 21.50 20.46 -3.73
N GLU B 282 22.09 21.42 -4.41
CA GLU B 282 21.57 22.79 -4.36
C GLU B 282 20.31 22.91 -5.21
N VAL B 283 19.39 23.76 -4.76
CA VAL B 283 18.15 24.06 -5.47
C VAL B 283 18.21 25.54 -5.83
N HIS B 284 18.23 25.83 -7.12
CA HIS B 284 18.36 27.16 -7.67
C HIS B 284 17.06 27.58 -8.35
N ASP B 285 16.78 28.87 -8.30
CA ASP B 285 15.69 29.40 -9.09
C ASP B 285 16.04 30.83 -9.46
N LYS B 286 15.84 31.18 -10.73
CA LYS B 286 15.99 32.57 -11.17
C LYS B 286 17.40 33.08 -10.88
N GLY B 287 18.37 32.19 -11.07
CA GLY B 287 19.77 32.56 -10.96
C GLY B 287 20.28 32.75 -9.55
N ALA B 288 19.64 32.12 -8.57
CA ALA B 288 20.15 32.20 -7.20
C ALA B 288 19.92 30.87 -6.49
N LEU B 289 20.85 30.55 -5.59
CA LEU B 289 20.65 29.44 -4.69
C LEU B 289 19.45 29.74 -3.78
N ARG B 290 18.55 28.77 -3.65
CA ARG B 290 17.38 28.90 -2.81
C ARG B 290 17.29 27.87 -1.69
N GLY B 291 17.75 26.65 -1.93
CA GLY B 291 17.57 25.64 -0.91
C GLY B 291 18.37 24.39 -1.21
N TYR B 292 18.08 23.33 -0.47
CA TYR B 292 18.82 22.09 -0.64
C TYR B 292 17.90 20.88 -0.65
N VAL B 293 18.29 19.88 -1.44
CA VAL B 293 17.81 18.51 -1.33
C VAL B 293 18.87 17.68 -0.61
N CYS B 294 18.46 16.86 0.33
CA CYS B 294 19.36 15.96 1.02
C CYS B 294 19.17 14.56 0.45
N ALA B 295 20.17 14.06 -0.28
CA ALA B 295 20.15 12.71 -0.85
C ALA B 295 20.94 11.76 0.04
N ILE B 296 20.37 10.60 0.38
CA ILE B 296 21.03 9.61 1.25
CA ILE B 296 21.08 9.63 1.20
C ILE B 296 20.87 8.23 0.63
N LYS B 297 21.98 7.54 0.38
CA LYS B 297 21.94 6.15 -0.07
C LYS B 297 22.25 5.27 1.13
N VAL B 298 21.35 4.33 1.40
CA VAL B 298 21.48 3.37 2.50
C VAL B 298 21.74 2.00 1.89
N GLU B 299 22.83 1.35 2.28
CA GLU B 299 23.11 0.02 1.75
C GLU B 299 22.24 -1.05 2.42
N LYS B 300 21.97 -2.11 1.65
CA LYS B 300 21.38 -3.31 2.25
C LYS B 300 22.25 -3.80 3.42
N PHE B 301 21.60 -4.12 4.54
CA PHE B 301 22.27 -4.49 5.78
C PHE B 301 22.31 -6.00 5.92
N CYS B 302 23.33 -6.50 6.63
CA CYS B 302 23.46 -7.92 6.86
C CYS B 302 22.32 -8.45 7.73
N CYS B 303 22.00 -7.75 8.82
CA CYS B 303 21.07 -8.28 9.82
C CYS B 303 19.85 -7.37 10.02
N ALA B 304 19.56 -6.89 11.23
CA ALA B 304 18.30 -6.19 11.49
C ALA B 304 18.54 -4.76 11.94
N VAL B 305 17.85 -3.80 11.31
CA VAL B 305 17.93 -2.38 11.69
C VAL B 305 16.54 -1.94 12.14
N PHE B 306 16.45 -1.42 13.36
CA PHE B 306 15.21 -0.89 13.92
C PHE B 306 15.17 0.63 13.77
N ALA B 307 13.97 1.18 13.56
CA ALA B 307 13.86 2.65 13.60
C ALA B 307 14.09 3.17 15.01
N LYS B 308 13.78 2.37 16.02
CA LYS B 308 13.97 2.68 17.42
C LYS B 308 13.57 1.43 18.20
N VAL B 309 13.68 1.49 19.52
CA VAL B 309 13.41 0.28 20.30
C VAL B 309 11.99 -0.21 20.00
N PRO B 310 11.78 -1.51 19.75
CA PRO B 310 10.41 -2.01 19.55
C PRO B 310 9.49 -1.56 20.68
N SER B 311 8.24 -1.25 20.34
CA SER B 311 7.27 -0.87 21.36
C SER B 311 6.59 -2.13 21.86
N SER B 312 7.25 -2.77 22.81
CA SER B 312 6.71 -3.92 23.51
CA SER B 312 6.71 -3.92 23.51
C SER B 312 6.95 -3.74 25.00
N TRP B 313 5.99 -4.22 25.81
CA TRP B 313 5.98 -3.87 27.21
C TRP B 313 5.72 -5.09 28.08
N GLN B 314 6.12 -4.99 29.34
CA GLN B 314 5.88 -6.02 30.35
C GLN B 314 5.73 -5.34 31.69
N VAL B 315 5.22 -6.07 32.68
CA VAL B 315 5.17 -5.54 34.03
C VAL B 315 6.44 -5.99 34.75
N LYS B 316 7.23 -5.02 35.21
CA LYS B 316 8.45 -5.29 35.94
C LYS B 316 8.50 -4.30 37.10
N ASP B 317 8.73 -4.83 38.30
CA ASP B 317 8.87 -4.03 39.51
C ASP B 317 7.81 -2.94 39.59
N ASN B 318 6.56 -3.40 39.54
CA ASN B 318 5.37 -2.59 39.76
C ASN B 318 5.13 -1.53 38.67
N ARG B 319 5.83 -1.57 37.55
CA ARG B 319 5.50 -0.61 36.50
C ARG B 319 5.61 -1.26 35.13
N VAL B 320 4.85 -0.68 34.19
CA VAL B 320 4.98 -1.00 32.79
C VAL B 320 6.37 -0.57 32.32
N ARG B 321 7.14 -1.53 31.83
CA ARG B 321 8.51 -1.35 31.35
C ARG B 321 8.57 -1.73 29.89
N GLN B 322 9.28 -0.94 29.08
CA GLN B 322 9.54 -1.31 27.70
C GLN B 322 10.66 -2.34 27.66
N LEU B 323 10.50 -3.36 26.83
CA LEU B 323 11.56 -4.35 26.70
C LEU B 323 12.73 -3.77 25.91
N PRO B 324 13.96 -3.95 26.35
CA PRO B 324 15.11 -3.55 25.51
C PRO B 324 15.15 -4.34 24.22
N THR B 325 15.77 -3.72 23.19
CA THR B 325 15.80 -4.34 21.88
C THR B 325 16.34 -5.77 21.92
N ARG B 326 17.37 -6.01 22.71
CA ARG B 326 17.96 -7.34 22.76
C ARG B 326 17.00 -8.33 23.40
N GLU B 327 16.25 -7.91 24.42
CA GLU B 327 15.29 -8.79 25.07
C GLU B 327 14.11 -9.09 24.15
N TRP B 328 13.55 -8.05 23.53
CA TRP B 328 12.53 -8.24 22.51
C TRP B 328 12.99 -9.24 21.47
N THR B 329 14.24 -9.10 21.00
CA THR B 329 14.68 -9.96 19.92
C THR B 329 14.84 -11.39 20.40
N ALA B 330 15.38 -11.58 21.61
CA ALA B 330 15.54 -12.93 22.14
C ALA B 330 14.20 -13.61 22.31
N TRP B 331 13.21 -12.90 22.87
CA TRP B 331 11.89 -13.47 23.02
CA TRP B 331 11.89 -13.47 23.02
C TRP B 331 11.27 -13.79 21.66
N MET B 332 11.49 -12.92 20.67
CA MET B 332 10.97 -13.19 19.33
C MET B 332 11.60 -14.44 18.74
N MET B 333 12.90 -14.65 18.94
CA MET B 333 13.57 -15.82 18.39
C MET B 333 13.21 -17.09 19.16
N GLU B 334 12.68 -16.97 20.38
CA GLU B 334 12.28 -18.16 21.13
C GLU B 334 11.29 -19.03 20.37
N ALA B 335 10.50 -18.43 19.47
CA ALA B 335 9.48 -19.18 18.72
C ALA B 335 10.07 -20.37 17.96
ZN ZN C . 9.23 -15.70 -16.04
NA NA D . 10.14 1.33 -34.53
ZN ZN E . 25.03 -8.53 10.77
NA NA F . 26.63 9.32 -7.83
#